data_6YLS
#
_entry.id   6YLS
#
_cell.length_a   38.510
_cell.length_b   70.510
_cell.length_c   90.600
_cell.angle_alpha   90.000
_cell.angle_beta   90.000
_cell.angle_gamma   90.000
#
_symmetry.space_group_name_H-M   'P 21 21 21'
#
loop_
_entity.id
_entity.type
_entity.pdbx_description
1 polymer 'Green to red photoconvertible GFP-like protein EosFP'
2 non-polymer 'CHLORIDE ION'
3 non-polymer 'SODIUM ION'
4 water water
#
_entity_poly.entity_id   1
_entity_poly.type   'polypeptide(L)'
_entity_poly.pdbx_seq_one_letter_code
;MVSAIKPDMRIKLRMEGNVNGHHFVIDGDGTGKPYEGKQTMDLEVKEGGPLPFAFDILTTAF(5SQ)NRVFVKYPDNIQD
YFKQSFPKGYSWERSLTFEDGGICNARNDITMEGDTFYNKVRFYGTNFPANGPVMQKKTLKWEPSTEKMYVRDGVLTGDI
EMALLLEGNAHYRCDFRTTYKAKEKGVKLPGAHFVDHAIEILSHDKDYNKVKLYEHAVAHSGLPDNARRGSHHHHHH
;
_entity_poly.pdbx_strand_id   A
#
loop_
_chem_comp.id
_chem_comp.type
_chem_comp.name
_chem_comp.formula
CL non-polymer 'CHLORIDE ION' 'Cl -1'
NA non-polymer 'SODIUM ION' 'Na 1'
#
# COMPACT_ATOMS: atom_id res chain seq x y z
N SER A 3 -14.63 13.81 9.94
CA SER A 3 -15.01 13.28 8.58
C SER A 3 -16.21 12.35 8.68
N ALA A 4 -16.94 12.18 7.56
CA ALA A 4 -18.09 11.24 7.45
C ALA A 4 -17.67 9.77 7.20
N ILE A 5 -16.37 9.56 7.21
CA ILE A 5 -15.80 8.27 7.33
C ILE A 5 -16.18 7.64 8.69
N LYS A 6 -16.79 6.46 8.64
CA LYS A 6 -17.28 5.75 9.84
C LYS A 6 -16.10 5.25 10.65
N PRO A 7 -16.23 5.12 12.00
CA PRO A 7 -15.16 4.47 12.74
C PRO A 7 -14.87 3.01 12.34
N ASP A 8 -15.86 2.30 11.85
CA ASP A 8 -15.64 0.95 11.27
C ASP A 8 -16.06 0.97 9.82
N MET A 9 -15.09 0.76 8.91
CA MET A 9 -15.40 0.75 7.47
C MET A 9 -15.13 -0.63 6.90
N ARG A 10 -15.93 -1.00 5.91
CA ARG A 10 -15.73 -2.19 5.12
C ARG A 10 -14.82 -1.79 3.94
N ILE A 11 -14.10 -2.75 3.39
CA ILE A 11 -13.14 -2.48 2.33
C ILE A 11 -13.31 -3.57 1.26
N LYS A 12 -13.48 -3.10 0.04
CA LYS A 12 -13.60 -3.99 -1.14
C LYS A 12 -12.53 -3.55 -2.14
N LEU A 13 -12.00 -4.56 -2.82
CA LEU A 13 -10.85 -4.33 -3.70
C LEU A 13 -10.81 -5.31 -4.86
N ARG A 14 -10.38 -4.77 -6.00
CA ARG A 14 -10.04 -5.57 -7.17
C ARG A 14 -8.72 -5.12 -7.73
N MET A 15 -7.79 -6.06 -7.91
CA MET A 15 -6.48 -5.81 -8.48
C MET A 15 -6.34 -6.58 -9.77
N GLU A 16 -5.91 -5.89 -10.83
CA GLU A 16 -5.53 -6.58 -12.05
C GLU A 16 -4.06 -6.24 -12.27
N GLY A 17 -3.30 -7.26 -12.56
CA GLY A 17 -1.86 -7.12 -12.64
C GLY A 17 -1.15 -8.02 -13.62
N ASN A 18 0.11 -7.68 -13.86
CA ASN A 18 1.00 -8.45 -14.72
C ASN A 18 2.39 -8.26 -14.17
N VAL A 19 3.05 -9.35 -13.81
CA VAL A 19 4.43 -9.27 -13.28
C VAL A 19 5.32 -10.22 -14.08
N ASN A 20 6.37 -9.68 -14.73
CA ASN A 20 7.27 -10.48 -15.56
C ASN A 20 6.43 -11.34 -16.55
N GLY A 21 5.41 -10.70 -17.11
CA GLY A 21 4.56 -11.31 -18.13
C GLY A 21 3.51 -12.26 -17.61
N HIS A 22 3.38 -12.40 -16.28
CA HIS A 22 2.38 -13.29 -15.66
C HIS A 22 1.18 -12.46 -15.22
N HIS A 23 0.02 -12.76 -15.79
CA HIS A 23 -1.20 -12.06 -15.52
C HIS A 23 -1.95 -12.60 -14.34
N PHE A 24 -2.65 -11.72 -13.61
CA PHE A 24 -3.42 -12.21 -12.47
C PHE A 24 -4.51 -11.21 -12.10
N VAL A 25 -5.53 -11.71 -11.38
CA VAL A 25 -6.59 -10.87 -10.82
C VAL A 25 -6.75 -11.38 -9.38
N ILE A 26 -6.83 -10.41 -8.46
CA ILE A 26 -6.92 -10.65 -7.05
C ILE A 26 -8.04 -9.77 -6.48
N ASP A 27 -8.91 -10.39 -5.67
CA ASP A 27 -10.00 -9.68 -5.00
C ASP A 27 -9.71 -9.59 -3.51
N GLY A 28 -10.13 -8.49 -2.91
CA GLY A 28 -9.94 -8.28 -1.46
C GLY A 28 -11.22 -7.86 -0.76
N ASP A 29 -11.43 -8.43 0.43
CA ASP A 29 -12.57 -8.12 1.23
C ASP A 29 -12.01 -7.92 2.64
N GLY A 30 -12.21 -6.73 3.24
CA GLY A 30 -11.71 -6.50 4.57
C GLY A 30 -12.49 -5.47 5.38
N THR A 31 -11.88 -5.09 6.50
CA THR A 31 -12.46 -4.07 7.34
C THR A 31 -11.33 -3.32 8.01
N GLY A 32 -11.62 -2.12 8.43
CA GLY A 32 -10.61 -1.34 9.13
C GLY A 32 -11.24 -0.30 10.00
N LYS A 33 -10.35 0.36 10.74
CA LYS A 33 -10.65 1.42 11.70
C LYS A 33 -9.83 2.65 11.34
N PRO A 34 -10.34 3.53 10.47
CA PRO A 34 -9.60 4.63 9.93
C PRO A 34 -8.92 5.49 11.02
N TYR A 35 -9.60 5.65 12.15
CA TYR A 35 -9.12 6.55 13.21
C TYR A 35 -8.09 5.90 14.10
N GLU A 36 -7.95 4.58 14.04
CA GLU A 36 -6.86 3.90 14.73
C GLU A 36 -5.69 3.54 13.81
N GLY A 37 -5.86 3.75 12.51
CA GLY A 37 -4.78 3.40 11.59
C GLY A 37 -4.63 1.90 11.42
N LYS A 38 -5.71 1.14 11.57
CA LYS A 38 -5.69 -0.33 11.53
C LYS A 38 -6.62 -0.85 10.44
N GLN A 39 -6.19 -1.90 9.74
CA GLN A 39 -7.04 -2.52 8.70
C GLN A 39 -6.55 -3.94 8.47
N THR A 40 -7.50 -4.79 8.08
CA THR A 40 -7.31 -6.19 7.82
C THR A 40 -8.05 -6.56 6.52
N MET A 41 -7.41 -7.35 5.68
CA MET A 41 -8.06 -7.83 4.41
C MET A 41 -7.74 -9.25 4.07
N ASP A 42 -8.77 -9.94 3.63
CA ASP A 42 -8.66 -11.24 3.05
C ASP A 42 -8.58 -11.13 1.53
N LEU A 43 -7.54 -11.70 0.97
CA LEU A 43 -7.23 -11.64 -0.47
C LEU A 43 -7.43 -13.02 -1.07
N GLU A 44 -8.02 -13.06 -2.25
CA GLU A 44 -8.16 -14.27 -3.00
C GLU A 44 -7.69 -14.08 -4.44
N VAL A 45 -6.73 -14.89 -4.89
CA VAL A 45 -6.33 -14.90 -6.31
C VAL A 45 -7.49 -15.50 -7.10
N LYS A 46 -7.98 -14.73 -8.07
CA LYS A 46 -9.11 -15.19 -8.93
C LYS A 46 -8.68 -15.76 -10.27
N GLU A 47 -7.55 -15.30 -10.79
CA GLU A 47 -6.97 -15.92 -11.98
C GLU A 47 -5.48 -15.71 -11.99
N GLY A 48 -4.78 -16.59 -12.71
CA GLY A 48 -3.33 -16.59 -12.77
C GLY A 48 -2.54 -17.35 -11.75
N GLY A 49 -3.24 -17.94 -10.73
CA GLY A 49 -2.57 -18.64 -9.67
C GLY A 49 -2.16 -20.08 -10.01
N PRO A 50 -1.15 -20.67 -9.34
CA PRO A 50 -0.43 -20.04 -8.20
C PRO A 50 0.55 -19.00 -8.69
N LEU A 51 0.56 -17.83 -8.05
CA LEU A 51 1.40 -16.74 -8.53
C LEU A 51 2.85 -17.21 -8.52
N PRO A 52 3.60 -17.01 -9.63
CA PRO A 52 5.01 -17.46 -9.72
C PRO A 52 6.02 -16.47 -9.15
N PHE A 53 5.59 -15.58 -8.26
CA PHE A 53 6.48 -14.62 -7.66
C PHE A 53 6.04 -14.32 -6.22
N ALA A 54 6.90 -13.62 -5.51
CA ALA A 54 6.64 -13.33 -4.09
C ALA A 54 5.42 -12.43 -3.90
N PHE A 55 4.44 -12.96 -3.18
CA PHE A 55 3.21 -12.23 -2.85
C PHE A 55 3.53 -10.89 -2.19
N ASP A 56 4.62 -10.86 -1.38
CA ASP A 56 4.98 -9.61 -0.67
C ASP A 56 5.14 -8.39 -1.59
N ILE A 57 5.50 -8.55 -2.90
CA ILE A 57 5.66 -7.34 -3.67
C ILE A 57 4.32 -6.61 -3.84
N LEU A 58 3.23 -7.38 -3.72
CA LEU A 58 1.89 -6.85 -3.94
C LEU A 58 1.27 -6.12 -2.74
N THR A 59 1.78 -6.39 -1.55
CA THR A 59 0.92 -6.20 -0.36
C THR A 59 0.68 -4.72 -0.03
N THR A 60 1.64 -3.85 -0.33
CA THR A 60 1.37 -2.40 -0.09
C THR A 60 0.39 -1.80 -1.09
N ALA A 61 0.12 -2.51 -2.20
CA ALA A 61 -0.93 -2.08 -3.12
C ALA A 61 -2.33 -2.46 -2.60
N PHE A 62 -2.41 -3.45 -1.72
CA PHE A 62 -3.67 -3.80 -0.99
C PHE A 62 -3.89 -2.85 0.16
C1 5SQ A 63 -1.78 -0.56 1.83
C2 5SQ A 63 -1.00 1.34 0.85
O3 5SQ A 63 -4.60 2.22 -0.90
C3 5SQ A 63 -4.03 1.83 0.12
CA3 5SQ A 63 -3.18 0.64 0.10
N3 5SQ A 63 -2.04 0.45 0.90
O2 5SQ A 63 -0.93 2.33 0.12
CA1 5SQ A 63 -2.73 -1.69 2.12
N1 5SQ A 63 -2.80 -2.42 0.82
CB1 5SQ A 63 -2.27 -2.50 3.36
CG1 5SQ A 63 -3.30 -3.42 3.87
C2H 5SQ A 63 -3.09 -4.29 4.93
N2H 5SQ A 63 -4.24 -4.97 5.18
N1H 5SQ A 63 -4.62 -3.55 3.45
C1H 5SQ A 63 -5.17 -4.49 4.30
N2 5SQ A 63 -0.59 -0.41 2.36
CA2 5SQ A 63 0.01 0.74 1.80
CB2 5SQ A 63 1.24 1.29 2.02
CG2 5SQ A 63 2.34 0.83 2.86
CD2 5SQ A 63 3.53 1.58 2.78
CE2 5SQ A 63 4.65 1.21 3.54
CD1 5SQ A 63 2.33 -0.28 3.73
CE1 5SQ A 63 3.41 -0.69 4.49
CZ1 5SQ A 63 4.56 0.09 4.36
OH 5SQ A 63 5.59 -0.35 5.14
N ASN A 64 -4.20 2.34 1.31
CA ASN A 64 -5.15 3.43 1.47
C ASN A 64 -4.77 4.18 2.74
N ARG A 65 -4.21 5.36 2.52
CA ARG A 65 -3.63 6.19 3.59
C ARG A 65 -4.72 6.86 4.47
N VAL A 66 -6.01 6.58 4.21
CA VAL A 66 -7.06 6.86 5.19
C VAL A 66 -6.79 6.08 6.47
N PHE A 67 -6.18 4.88 6.33
CA PHE A 67 -5.94 4.00 7.48
C PHE A 67 -4.63 4.38 8.14
N VAL A 68 -4.67 5.54 8.81
CA VAL A 68 -3.54 6.07 9.56
C VAL A 68 -4.14 6.86 10.69
N LYS A 69 -3.58 6.69 11.90
CA LYS A 69 -3.96 7.52 13.06
C LYS A 69 -3.21 8.84 12.93
N TYR A 70 -3.94 9.92 12.61
CA TYR A 70 -3.39 11.27 12.49
C TYR A 70 -3.61 12.06 13.75
N PRO A 71 -2.54 12.73 14.23
CA PRO A 71 -2.79 13.66 15.31
C PRO A 71 -3.58 14.85 14.83
N ASP A 72 -4.33 15.44 15.76
CA ASP A 72 -5.22 16.55 15.48
CA ASP A 72 -5.23 16.52 15.41
C ASP A 72 -4.49 17.75 14.85
N ASN A 73 -3.20 17.88 15.15
CA ASN A 73 -2.35 18.95 14.63
C ASN A 73 -1.61 18.66 13.31
N ILE A 74 -1.94 17.58 12.61
CA ILE A 74 -1.41 17.35 11.26
C ILE A 74 -2.62 17.25 10.35
N GLN A 75 -2.59 18.01 9.25
CA GLN A 75 -3.65 18.00 8.26
C GLN A 75 -3.68 16.57 7.66
N ASP A 76 -4.87 15.97 7.70
CA ASP A 76 -5.16 14.62 7.19
C ASP A 76 -5.80 14.80 5.81
N TYR A 77 -4.92 14.88 4.81
CA TYR A 77 -5.32 14.98 3.38
C TYR A 77 -6.29 13.84 2.96
N PHE A 78 -6.05 12.66 3.52
CA PHE A 78 -6.72 11.45 3.02
C PHE A 78 -8.16 11.43 3.49
N LYS A 79 -8.40 11.66 4.79
CA LYS A 79 -9.77 11.69 5.30
C LYS A 79 -10.55 12.89 4.77
N GLN A 80 -9.85 14.00 4.58
CA GLN A 80 -10.42 15.20 3.94
C GLN A 80 -10.77 15.07 2.46
N SER A 81 -10.20 14.07 1.79
CA SER A 81 -10.53 13.79 0.39
CA SER A 81 -10.52 13.79 0.39
C SER A 81 -11.87 13.09 0.18
N PHE A 82 -12.53 12.65 1.26
CA PHE A 82 -13.86 12.06 1.15
C PHE A 82 -14.93 13.10 1.43
N PRO A 83 -16.11 12.94 0.82
CA PRO A 83 -16.59 11.72 0.17
C PRO A 83 -16.15 11.39 -1.30
N LYS A 84 -15.59 12.34 -2.07
CA LYS A 84 -15.26 12.12 -3.51
C LYS A 84 -14.12 11.10 -3.68
N GLY A 85 -13.17 11.15 -2.76
CA GLY A 85 -12.08 10.17 -2.68
C GLY A 85 -10.79 10.69 -3.29
N TYR A 86 -9.85 9.79 -3.55
CA TYR A 86 -8.55 10.17 -4.09
C TYR A 86 -7.93 8.98 -4.82
N SER A 87 -6.83 9.26 -5.51
CA SER A 87 -6.05 8.22 -6.17
CA SER A 87 -6.04 8.20 -6.15
C SER A 87 -4.57 8.37 -5.84
N TRP A 88 -3.83 7.29 -6.02
CA TRP A 88 -2.40 7.34 -5.89
C TRP A 88 -1.73 6.53 -6.97
N GLU A 89 -0.47 6.85 -7.19
CA GLU A 89 0.36 6.14 -8.16
C GLU A 89 1.71 5.94 -7.49
N ARG A 90 2.29 4.76 -7.63
CA ARG A 90 3.52 4.44 -6.91
C ARG A 90 4.51 3.74 -7.79
N SER A 91 5.77 4.12 -7.66
CA SER A 91 6.85 3.37 -8.28
CA SER A 91 6.86 3.34 -8.27
C SER A 91 7.53 2.59 -7.16
N LEU A 92 7.81 1.31 -7.40
CA LEU A 92 8.49 0.42 -6.45
C LEU A 92 9.78 0.04 -7.18
N THR A 93 10.90 0.65 -6.82
CA THR A 93 12.15 0.40 -7.55
C THR A 93 13.10 -0.47 -6.70
N PHE A 94 13.34 -1.72 -7.13
CA PHE A 94 14.10 -2.68 -6.35
C PHE A 94 15.58 -2.66 -6.74
N GLU A 95 16.39 -2.99 -5.74
CA GLU A 95 17.83 -2.81 -5.86
C GLU A 95 18.51 -3.66 -6.98
N ASP A 96 17.85 -4.74 -7.42
CA ASP A 96 18.36 -5.60 -8.49
C ASP A 96 17.76 -5.27 -9.87
N GLY A 97 17.12 -4.09 -9.99
CA GLY A 97 16.57 -3.60 -11.20
C GLY A 97 15.12 -3.98 -11.46
N GLY A 98 14.51 -4.79 -10.57
CA GLY A 98 13.10 -5.06 -10.68
C GLY A 98 12.35 -3.75 -10.49
N ILE A 99 11.25 -3.59 -11.22
CA ILE A 99 10.48 -2.32 -11.14
C ILE A 99 8.98 -2.59 -11.23
N CYS A 100 8.24 -2.05 -10.27
CA CYS A 100 6.78 -2.09 -10.32
C CYS A 100 6.18 -0.70 -10.34
N ASN A 101 5.06 -0.59 -11.02
CA ASN A 101 4.23 0.61 -10.95
CA ASN A 101 4.20 0.62 -10.98
C ASN A 101 2.82 0.17 -10.56
N ALA A 102 2.29 0.80 -9.52
CA ALA A 102 0.97 0.47 -9.05
C ALA A 102 0.11 1.71 -8.95
N ARG A 103 -1.21 1.53 -9.11
N ARG A 103 -1.20 1.54 -9.09
CA ARG A 103 -2.19 2.63 -9.04
CA ARG A 103 -2.13 2.65 -8.98
C ARG A 103 -3.40 2.15 -8.27
C ARG A 103 -3.42 2.18 -8.31
N ASN A 104 -4.01 3.04 -7.50
CA ASN A 104 -5.30 2.77 -6.84
C ASN A 104 -6.22 4.00 -6.94
N ASP A 105 -7.44 3.79 -7.42
CA ASP A 105 -8.51 4.76 -7.37
C ASP A 105 -9.44 4.37 -6.24
N ILE A 106 -9.52 5.24 -5.23
CA ILE A 106 -10.27 4.92 -4.02
C ILE A 106 -11.53 5.77 -3.97
N THR A 107 -12.65 5.05 -3.81
CA THR A 107 -13.95 5.66 -3.61
C THR A 107 -14.60 5.15 -2.31
N MET A 108 -15.68 5.81 -1.92
CA MET A 108 -16.44 5.46 -0.75
C MET A 108 -17.92 5.43 -1.08
N GLU A 109 -18.58 4.33 -0.77
CA GLU A 109 -20.03 4.16 -0.99
C GLU A 109 -20.54 3.76 0.38
N GLY A 110 -21.15 4.73 1.06
CA GLY A 110 -21.58 4.54 2.44
C GLY A 110 -20.47 4.11 3.37
N ASP A 111 -20.64 2.94 3.98
CA ASP A 111 -19.69 2.34 4.94
C ASP A 111 -18.53 1.54 4.25
N THR A 112 -18.38 1.63 2.92
CA THR A 112 -17.43 0.75 2.22
C THR A 112 -16.46 1.54 1.36
N PHE A 113 -15.15 1.35 1.57
CA PHE A 113 -14.16 1.87 0.59
C PHE A 113 -14.00 0.86 -0.53
N TYR A 114 -13.98 1.38 -1.73
CA TYR A 114 -13.75 0.58 -2.93
C TYR A 114 -12.41 0.96 -3.51
N ASN A 115 -11.69 -0.06 -4.02
CA ASN A 115 -10.33 0.08 -4.51
C ASN A 115 -10.17 -0.58 -5.90
N LYS A 116 -9.84 0.23 -6.90
CA LYS A 116 -9.56 -0.22 -8.27
C LYS A 116 -8.05 -0.12 -8.41
N VAL A 117 -7.41 -1.28 -8.33
CA VAL A 117 -5.94 -1.36 -8.30
C VAL A 117 -5.39 -1.96 -9.60
N ARG A 118 -4.36 -1.33 -10.12
CA ARG A 118 -3.56 -1.87 -11.21
C ARG A 118 -2.13 -2.07 -10.72
N PHE A 119 -1.51 -3.17 -11.13
CA PHE A 119 -0.15 -3.49 -10.71
C PHE A 119 0.64 -4.04 -11.87
N TYR A 120 1.73 -3.35 -12.24
CA TYR A 120 2.61 -3.81 -13.32
C TYR A 120 4.00 -3.98 -12.75
N GLY A 121 4.62 -5.12 -13.00
CA GLY A 121 6.01 -5.36 -12.60
C GLY A 121 6.77 -5.98 -13.77
N THR A 122 8.05 -5.65 -13.85
CA THR A 122 8.88 -6.20 -14.91
C THR A 122 10.37 -6.07 -14.49
N ASN A 123 11.22 -6.73 -15.27
CA ASN A 123 12.69 -6.63 -15.11
C ASN A 123 13.20 -7.36 -13.85
N PHE A 124 12.39 -8.20 -13.23
CA PHE A 124 12.89 -8.96 -12.07
C PHE A 124 13.79 -10.09 -12.62
N PRO A 125 15.01 -10.22 -12.09
CA PRO A 125 15.83 -11.31 -12.55
C PRO A 125 15.19 -12.66 -12.29
N ALA A 126 15.36 -13.57 -13.19
CA ALA A 126 14.76 -14.92 -13.08
C ALA A 126 15.23 -15.61 -11.82
N ASN A 127 16.49 -15.39 -11.45
CA ASN A 127 17.11 -16.05 -10.31
C ASN A 127 16.91 -15.27 -9.00
N GLY A 128 16.23 -14.10 -9.04
CA GLY A 128 16.16 -13.20 -7.91
C GLY A 128 15.10 -13.60 -6.92
N PRO A 129 15.10 -12.93 -5.74
CA PRO A 129 14.27 -13.40 -4.62
C PRO A 129 12.77 -13.24 -4.91
N VAL A 130 12.42 -12.30 -5.77
CA VAL A 130 11.01 -12.13 -6.10
C VAL A 130 10.52 -13.31 -6.92
N MET A 131 11.12 -13.57 -8.07
CA MET A 131 10.67 -14.72 -8.89
C MET A 131 10.89 -16.05 -8.19
N GLN A 132 11.91 -16.12 -7.33
CA GLN A 132 12.16 -17.39 -6.63
C GLN A 132 11.36 -17.57 -5.34
N LYS A 133 10.59 -16.53 -4.99
CA LYS A 133 9.75 -16.59 -3.79
C LYS A 133 10.56 -16.82 -2.50
N LYS A 134 11.54 -15.96 -2.29
CA LYS A 134 12.45 -16.07 -1.16
C LYS A 134 12.21 -14.99 -0.11
N THR A 135 11.11 -14.25 -0.24
CA THR A 135 10.86 -13.14 0.67
C THR A 135 10.12 -13.61 1.93
N LEU A 136 10.38 -12.94 3.05
CA LEU A 136 9.70 -13.26 4.30
C LEU A 136 8.70 -12.18 4.78
N LYS A 137 9.08 -10.90 4.70
CA LYS A 137 8.21 -9.82 5.17
C LYS A 137 8.81 -8.51 4.78
N TRP A 138 7.97 -7.49 4.73
CA TRP A 138 8.46 -6.11 4.77
C TRP A 138 8.82 -5.69 6.17
N GLU A 139 9.93 -4.97 6.32
CA GLU A 139 10.29 -4.40 7.61
C GLU A 139 9.38 -3.18 7.84
N PRO A 140 9.07 -2.86 9.12
CA PRO A 140 8.43 -1.59 9.44
C PRO A 140 9.19 -0.43 8.82
N SER A 141 8.45 0.59 8.43
CA SER A 141 8.99 1.65 7.64
C SER A 141 8.44 2.96 8.08
N THR A 142 9.07 4.01 7.59
CA THR A 142 8.63 5.41 7.77
C THR A 142 8.55 6.12 6.45
N GLU A 143 7.34 6.52 6.12
CA GLU A 143 7.05 7.27 4.91
C GLU A 143 7.23 8.78 5.15
N LYS A 144 8.03 9.42 4.33
CA LYS A 144 8.23 10.86 4.36
C LYS A 144 7.21 11.51 3.43
N MET A 145 6.28 12.26 4.04
CA MET A 145 5.21 12.98 3.31
C MET A 145 5.63 14.43 3.13
N TYR A 146 5.59 14.87 1.88
CA TYR A 146 6.03 16.22 1.53
C TYR A 146 5.41 16.65 0.19
N VAL A 147 5.46 17.95 -0.12
CA VAL A 147 4.90 18.47 -1.35
C VAL A 147 6.03 18.67 -2.35
N ARG A 148 5.96 18.00 -3.48
CA ARG A 148 6.94 18.12 -4.57
C ARG A 148 6.15 18.64 -5.76
N ASP A 149 6.43 19.88 -6.14
CA ASP A 149 5.76 20.56 -7.27
C ASP A 149 4.25 20.60 -7.14
N GLY A 150 3.80 21.00 -5.96
CA GLY A 150 2.38 21.04 -5.66
C GLY A 150 1.62 19.71 -5.56
N VAL A 151 2.35 18.59 -5.55
CA VAL A 151 1.76 17.23 -5.45
C VAL A 151 2.23 16.58 -4.16
N LEU A 152 1.29 16.11 -3.36
CA LEU A 152 1.63 15.35 -2.16
C LEU A 152 2.33 14.04 -2.57
N THR A 153 3.49 13.80 -1.98
CA THR A 153 4.39 12.72 -2.32
C THR A 153 4.83 12.03 -1.04
N GLY A 154 4.89 10.70 -1.06
CA GLY A 154 5.47 9.93 0.03
C GLY A 154 6.66 9.14 -0.52
N ASP A 155 7.83 9.34 0.07
CA ASP A 155 9.01 8.54 -0.23
C ASP A 155 9.28 7.57 0.91
N ILE A 156 9.66 6.35 0.56
CA ILE A 156 10.01 5.34 1.57
C ILE A 156 11.21 4.51 1.12
N GLU A 157 12.18 4.35 2.02
CA GLU A 157 13.25 3.37 1.87
C GLU A 157 12.71 2.11 2.53
N MET A 158 12.22 1.17 1.71
CA MET A 158 11.66 -0.11 2.19
C MET A 158 12.71 -1.25 2.11
N ALA A 159 12.52 -2.28 2.92
CA ALA A 159 13.36 -3.48 2.83
C ALA A 159 12.52 -4.73 3.03
N LEU A 160 12.70 -5.71 2.16
CA LEU A 160 12.12 -7.06 2.34
C LEU A 160 13.17 -7.92 3.04
N LEU A 161 12.79 -8.53 4.17
CA LEU A 161 13.60 -9.57 4.74
C LEU A 161 13.46 -10.78 3.86
N LEU A 162 14.59 -11.42 3.54
CA LEU A 162 14.69 -12.64 2.76
C LEU A 162 15.16 -13.80 3.62
N GLU A 163 14.89 -15.01 3.12
CA GLU A 163 15.52 -16.22 3.68
C GLU A 163 17.05 -16.01 3.75
N GLY A 164 17.66 -16.55 4.79
CA GLY A 164 19.11 -16.57 4.90
C GLY A 164 19.80 -15.33 5.39
N ASN A 165 19.09 -14.58 6.22
CA ASN A 165 19.58 -13.36 6.90
C ASN A 165 20.03 -12.26 5.91
N ALA A 166 19.22 -12.04 4.89
CA ALA A 166 19.52 -11.05 3.86
C ALA A 166 18.31 -10.15 3.72
N HIS A 167 18.59 -8.92 3.32
CA HIS A 167 17.55 -7.96 2.99
C HIS A 167 17.64 -7.54 1.53
N TYR A 168 16.53 -7.06 1.03
CA TYR A 168 16.33 -6.72 -0.40
C TYR A 168 15.61 -5.40 -0.44
N ARG A 169 16.32 -4.38 -0.89
N ARG A 169 16.32 -4.38 -0.90
CA ARG A 169 15.87 -3.00 -0.79
CA ARG A 169 15.90 -3.01 -0.81
C ARG A 169 14.98 -2.57 -1.95
C ARG A 169 14.99 -2.57 -1.96
N CYS A 170 14.02 -1.73 -1.61
CA CYS A 170 13.09 -1.16 -2.58
C CYS A 170 12.78 0.29 -2.20
N ASP A 171 12.92 1.19 -3.16
CA ASP A 171 12.53 2.57 -2.96
C ASP A 171 11.11 2.83 -3.49
N PHE A 172 10.26 3.39 -2.63
CA PHE A 172 8.88 3.76 -3.00
C PHE A 172 8.84 5.25 -3.24
N ARG A 173 8.22 5.69 -4.34
CA ARG A 173 7.70 7.04 -4.41
C ARG A 173 6.24 6.99 -4.82
N THR A 174 5.37 7.55 -3.98
CA THR A 174 3.92 7.55 -4.20
C THR A 174 3.46 9.00 -4.31
N THR A 175 2.68 9.32 -5.36
CA THR A 175 1.94 10.56 -5.46
C THR A 175 0.46 10.31 -5.11
N TYR A 176 -0.13 11.27 -4.38
CA TYR A 176 -1.48 11.17 -3.86
C TYR A 176 -2.27 12.42 -4.31
N LYS A 177 -3.42 12.21 -4.92
CA LYS A 177 -4.18 13.34 -5.54
C LYS A 177 -5.64 13.20 -5.21
N ALA A 178 -6.20 14.18 -4.47
CA ALA A 178 -7.64 14.22 -4.19
C ALA A 178 -8.42 14.41 -5.48
N LYS A 179 -9.59 13.78 -5.54
CA LYS A 179 -10.48 13.92 -6.69
C LYS A 179 -11.05 15.34 -6.75
N GLU A 180 -11.52 15.83 -5.61
CA GLU A 180 -11.98 17.24 -5.49
C GLU A 180 -10.80 18.20 -5.53
N LYS A 181 -10.82 19.20 -6.40
CA LYS A 181 -9.76 20.21 -6.37
C LYS A 181 -9.97 21.18 -5.19
N GLY A 182 -8.87 21.83 -4.80
CA GLY A 182 -8.87 22.69 -3.62
C GLY A 182 -8.86 21.97 -2.28
N VAL A 183 -8.61 20.66 -2.27
CA VAL A 183 -8.36 19.97 -1.03
C VAL A 183 -6.98 20.44 -0.58
N LYS A 184 -6.92 20.88 0.68
CA LYS A 184 -5.78 21.57 1.23
C LYS A 184 -4.60 20.63 1.48
N LEU A 185 -3.45 20.91 0.86
CA LEU A 185 -2.27 20.08 1.09
C LEU A 185 -1.75 20.16 2.53
N PRO A 186 -1.24 19.06 3.09
CA PRO A 186 -0.76 19.13 4.46
C PRO A 186 0.67 19.62 4.50
N GLY A 187 1.15 19.89 5.71
CA GLY A 187 2.55 20.17 5.92
C GLY A 187 3.35 18.86 5.86
N ALA A 188 4.65 18.98 5.68
CA ALA A 188 5.58 17.86 5.75
C ALA A 188 5.40 17.08 7.04
N HIS A 189 5.36 15.76 6.92
CA HIS A 189 5.23 14.88 8.08
C HIS A 189 5.66 13.43 7.73
N PHE A 190 5.42 12.52 8.66
CA PHE A 190 5.87 11.14 8.55
C PHE A 190 4.74 10.20 8.88
N VAL A 191 4.79 9.01 8.28
CA VAL A 191 3.84 7.96 8.61
C VAL A 191 4.63 6.70 8.82
N ASP A 192 4.55 6.16 10.04
CA ASP A 192 5.09 4.87 10.38
C ASP A 192 4.11 3.81 9.94
N HIS A 193 4.65 2.80 9.25
CA HIS A 193 3.90 1.65 8.75
C HIS A 193 4.44 0.32 9.25
N ALA A 194 3.53 -0.59 9.51
CA ALA A 194 3.90 -1.99 9.77
C ALA A 194 2.90 -2.79 8.99
N ILE A 195 3.33 -3.65 8.08
CA ILE A 195 2.38 -4.49 7.31
C ILE A 195 2.82 -5.95 7.50
N GLU A 196 1.84 -6.84 7.67
CA GLU A 196 2.06 -8.23 8.02
CA GLU A 196 2.15 -8.25 7.89
C GLU A 196 1.09 -9.18 7.31
N ILE A 197 1.57 -10.27 6.76
CA ILE A 197 0.72 -11.35 6.31
C ILE A 197 0.45 -12.16 7.56
N LEU A 198 -0.80 -12.12 8.03
CA LEU A 198 -1.19 -12.81 9.27
C LEU A 198 -1.28 -14.32 9.03
N SER A 199 -1.75 -14.70 7.83
CA SER A 199 -1.89 -16.10 7.46
C SER A 199 -1.97 -16.21 5.92
N HIS A 200 -1.73 -17.40 5.43
CA HIS A 200 -1.87 -17.68 4.01
C HIS A 200 -1.90 -19.16 3.75
N ASP A 201 -2.50 -19.51 2.62
CA ASP A 201 -2.38 -20.89 2.24
CA ASP A 201 -2.46 -20.84 2.01
C ASP A 201 -1.04 -21.12 1.52
N LYS A 202 -0.70 -22.39 1.38
CA LYS A 202 0.63 -22.78 0.95
C LYS A 202 1.07 -22.10 -0.38
N ASP A 203 0.17 -22.00 -1.34
CA ASP A 203 0.45 -21.34 -2.63
C ASP A 203 -0.05 -19.87 -2.72
N TYR A 204 -0.41 -19.29 -1.58
CA TYR A 204 -0.86 -17.90 -1.46
C TYR A 204 -2.10 -17.59 -2.30
N ASN A 205 -2.91 -18.61 -2.58
CA ASN A 205 -4.23 -18.35 -3.22
C ASN A 205 -5.11 -17.49 -2.31
N LYS A 206 -4.97 -17.66 -0.99
CA LYS A 206 -5.72 -16.90 0.05
C LYS A 206 -4.65 -16.34 0.97
N VAL A 207 -4.81 -15.07 1.33
CA VAL A 207 -3.90 -14.40 2.22
C VAL A 207 -4.71 -13.45 3.10
N LYS A 208 -4.39 -13.43 4.41
CA LYS A 208 -4.91 -12.44 5.34
C LYS A 208 -3.81 -11.45 5.68
N LEU A 209 -4.09 -10.16 5.48
CA LEU A 209 -3.14 -9.06 5.53
C LEU A 209 -3.60 -8.05 6.59
N TYR A 210 -2.64 -7.46 7.29
CA TYR A 210 -2.87 -6.46 8.31
C TYR A 210 -1.83 -5.31 8.19
N GLU A 211 -2.27 -4.10 8.43
CA GLU A 211 -1.42 -2.93 8.48
C GLU A 211 -1.83 -2.08 9.66
N HIS A 212 -0.82 -1.47 10.27
CA HIS A 212 -0.95 -0.48 11.33
C HIS A 212 -0.07 0.70 10.99
N ALA A 213 -0.69 1.89 10.93
CA ALA A 213 0.03 3.09 10.52
C ALA A 213 -0.37 4.27 11.41
N VAL A 214 0.64 5.09 11.73
CA VAL A 214 0.48 6.23 12.66
C VAL A 214 1.32 7.38 12.13
N ALA A 215 0.70 8.56 12.01
CA ALA A 215 1.38 9.76 11.54
C ALA A 215 2.06 10.54 12.68
N HIS A 216 3.19 11.16 12.39
CA HIS A 216 3.87 12.04 13.35
C HIS A 216 4.60 13.19 12.64
N SER A 217 4.84 14.27 13.38
CA SER A 217 5.52 15.45 12.83
C SER A 217 6.98 15.18 12.59
N GLY A 218 7.60 14.42 13.50
CA GLY A 218 9.01 14.06 13.42
C GLY A 218 9.61 13.99 14.81
N LEU A 219 10.78 14.63 14.99
CA LEU A 219 11.38 14.87 16.31
C LEU A 219 11.45 16.40 16.55
N PRO A 220 11.16 16.92 17.76
CA PRO A 220 10.70 16.18 18.95
C PRO A 220 9.17 16.25 19.18
N ASP A 221 8.44 15.22 18.70
CA ASP A 221 6.98 15.10 18.84
C ASP A 221 6.49 13.68 19.17
N ASN A 222 7.35 12.86 19.79
CA ASN A 222 7.02 11.47 20.15
C ASN A 222 8.06 10.86 21.09
CL CL B . -3.61 -19.06 -6.53
NA NA C . 8.90 -18.27 -9.89
#